data_4XAX
#
_entry.id   4XAX
#
_cell.length_a   149.321
_cell.length_b   149.321
_cell.length_c   52.256
_cell.angle_alpha   90.000
_cell.angle_beta   90.000
_cell.angle_gamma   90.000
#
_symmetry.space_group_name_H-M   'I 4'
#
loop_
_entity.id
_entity.type
_entity.pdbx_description
1 polymer 'DNA-directed RNA polymerase subunit beta domain 1'
2 polymer CarD
3 non-polymer 1,2-ETHANEDIOL
4 water water
#
loop_
_entity_poly.entity_id
_entity_poly.type
_entity_poly.pdbx_seq_one_letter_code
_entity_poly.pdbx_strand_id
1 'polypeptide(L)'
;PLTEIQVESYKKALQADVPPEKRENVGIQAAFKETFPIEEGDKGKGGLVLDFLEYRIGDPPFSQDECREKDLTYQAPLYA
RLQLIHKDTGLIKEDEVFLGHLPLMTEDGSFIINGADRVIVSQGGRTVGELMADQFRVGLARLARGVRERMVMGSPDTLT
PAKLVNSRPLEAALREFFSRSQLS
;
A
2 'polypeptide(L)'
;EFRPGDKVVLPPYGVGVVAGIAQRSVSGVSRAYYQVDFPGSRSKAYVPVEAPHSVGLRKALAPEEVPVILDLLKNGRMPL
PKQWAARHRKTSEILADGNPYRIAQMAGQLRAWEVERGLPDLDRQALRRAIHLLAEEVAQSLEITVQEAKRLFEEAWG
;
B
#
# COMPACT_ATOMS: atom_id res chain seq x y z
N PRO A 1 -40.14 14.72 -2.62
CA PRO A 1 -40.30 13.59 -3.53
C PRO A 1 -39.58 12.34 -3.04
N LEU A 2 -40.00 11.17 -3.53
CA LEU A 2 -39.34 9.91 -3.19
C LEU A 2 -37.90 9.96 -3.66
N THR A 3 -37.69 10.45 -4.88
CA THR A 3 -36.37 10.47 -5.47
C THR A 3 -35.48 11.53 -4.79
N GLU A 4 -36.10 12.47 -4.09
CA GLU A 4 -35.37 13.54 -3.41
C GLU A 4 -34.59 13.00 -2.23
N ILE A 5 -35.26 12.22 -1.39
CA ILE A 5 -34.64 11.65 -0.20
C ILE A 5 -33.51 10.73 -0.63
N GLN A 6 -33.71 10.03 -1.74
CA GLN A 6 -32.75 9.04 -2.20
C GLN A 6 -31.46 9.68 -2.71
N VAL A 7 -31.57 10.76 -3.48
CA VAL A 7 -30.40 11.50 -3.94
C VAL A 7 -29.79 12.26 -2.77
N GLU A 8 -30.42 12.12 -1.62
CA GLU A 8 -29.88 12.69 -0.40
C GLU A 8 -29.44 11.57 0.53
N SER A 9 -30.27 10.53 0.61
CA SER A 9 -29.89 9.29 1.27
C SER A 9 -28.46 8.92 0.92
N TYR A 10 -28.26 8.81 -0.37
CA TYR A 10 -26.95 8.48 -0.93
C TYR A 10 -25.96 9.60 -0.63
N LYS A 11 -26.46 10.83 -0.61
CA LYS A 11 -25.60 12.01 -0.54
C LYS A 11 -24.76 12.06 0.73
N LYS A 12 -25.43 12.03 1.88
CA LYS A 12 -24.72 12.06 3.15
C LYS A 12 -24.15 10.68 3.49
N ALA A 13 -24.67 9.64 2.85
CA ALA A 13 -24.13 8.30 3.04
C ALA A 13 -22.64 8.28 2.68
N LEU A 14 -22.25 9.23 1.84
CA LEU A 14 -20.91 9.27 1.26
C LEU A 14 -19.98 10.30 1.89
N GLN A 15 -20.52 11.47 2.22
CA GLN A 15 -19.70 12.56 2.76
C GLN A 15 -18.49 12.81 1.89
N ALA A 16 -18.62 12.51 0.60
CA ALA A 16 -17.52 12.57 -0.35
C ALA A 16 -16.99 13.98 -0.54
N ASP A 17 -17.61 14.96 0.10
CA ASP A 17 -17.12 16.32 0.04
C ASP A 17 -16.68 16.78 1.40
N VAL A 18 -17.07 16.04 2.42
CA VAL A 18 -16.65 16.40 3.75
C VAL A 18 -15.17 16.10 3.94
N PRO A 19 -14.44 17.05 4.53
CA PRO A 19 -13.08 16.78 5.00
C PRO A 19 -13.14 15.68 6.03
N PRO A 20 -12.47 14.56 5.76
CA PRO A 20 -12.50 13.33 6.56
C PRO A 20 -12.61 13.57 8.07
N GLU A 21 -11.98 14.62 8.56
CA GLU A 21 -11.97 14.87 9.99
C GLU A 21 -13.27 15.50 10.38
N LYS A 22 -13.89 16.15 9.40
CA LYS A 22 -15.19 16.74 9.60
C LYS A 22 -16.25 15.75 9.18
N ARG A 23 -15.82 14.63 8.61
CA ARG A 23 -16.74 13.54 8.34
C ARG A 23 -17.24 12.97 9.64
N GLU A 24 -18.50 12.57 9.65
CA GLU A 24 -19.13 12.03 10.84
C GLU A 24 -19.28 10.53 10.76
N ASN A 25 -19.38 9.90 11.94
CA ASN A 25 -19.49 8.46 12.08
C ASN A 25 -20.87 8.11 11.48
N VAL A 26 -21.00 8.25 10.16
CA VAL A 26 -22.23 7.86 9.50
C VAL A 26 -21.93 7.10 8.20
N GLY A 27 -22.77 6.11 7.90
CA GLY A 27 -22.70 5.39 6.64
C GLY A 27 -21.36 4.76 6.39
N ILE A 28 -20.72 5.17 5.29
CA ILE A 28 -19.41 4.64 4.96
C ILE A 28 -18.41 4.80 6.09
N GLN A 29 -18.36 6.00 6.65
CA GLN A 29 -17.53 6.27 7.80
C GLN A 29 -17.88 5.32 8.92
N ALA A 30 -19.18 5.08 9.09
CA ALA A 30 -19.65 4.17 10.12
C ALA A 30 -19.12 2.78 9.84
N ALA A 31 -19.36 2.32 8.61
CA ALA A 31 -18.88 1.03 8.16
C ALA A 31 -17.39 0.84 8.42
N PHE A 32 -16.60 1.87 8.13
CA PHE A 32 -15.16 1.80 8.30
C PHE A 32 -14.81 1.66 9.76
N LYS A 33 -15.47 2.45 10.59
CA LYS A 33 -15.12 2.56 11.99
C LYS A 33 -15.70 1.40 12.75
N GLU A 34 -16.76 0.81 12.22
CA GLU A 34 -17.26 -0.39 12.83
C GLU A 34 -16.25 -1.48 12.57
N THR A 35 -15.84 -1.60 11.31
CA THR A 35 -14.87 -2.61 10.91
C THR A 35 -13.50 -2.44 11.56
N PHE A 36 -13.01 -1.21 11.59
CA PHE A 36 -11.65 -0.95 12.06
C PHE A 36 -11.57 -0.46 13.50
N PRO A 37 -10.47 -0.79 14.20
CA PRO A 37 -9.26 -1.50 13.75
C PRO A 37 -9.36 -3.01 13.71
N ILE A 38 -8.32 -3.65 13.16
CA ILE A 38 -8.20 -5.09 13.21
C ILE A 38 -6.91 -5.44 13.93
N GLU A 39 -7.03 -6.03 15.10
CA GLU A 39 -5.88 -6.55 15.83
C GLU A 39 -5.73 -8.04 15.64
N GLU A 40 -4.50 -8.53 15.74
CA GLU A 40 -4.24 -9.95 15.72
C GLU A 40 -2.90 -10.26 16.35
N GLY A 41 -2.65 -11.55 16.53
CA GLY A 41 -1.44 -12.02 17.19
C GLY A 41 -1.62 -11.76 18.66
N ASP A 42 -0.87 -12.50 19.47
CA ASP A 42 -0.50 -12.09 20.81
C ASP A 42 0.47 -10.94 20.59
N LYS A 43 0.33 -9.86 21.35
CA LYS A 43 1.11 -8.64 21.15
C LYS A 43 2.62 -8.87 20.93
N GLY A 44 3.14 -9.90 21.58
CA GLY A 44 4.57 -10.18 21.54
C GLY A 44 5.10 -10.86 20.30
N LYS A 45 4.40 -11.89 19.81
CA LYS A 45 4.82 -12.62 18.62
C LYS A 45 4.95 -12.18 17.16
N GLY A 46 3.82 -11.91 16.52
CA GLY A 46 3.56 -10.98 15.45
C GLY A 46 2.37 -10.14 15.88
N GLY A 47 2.53 -9.38 16.96
CA GLY A 47 1.50 -8.51 17.46
C GLY A 47 1.23 -7.40 16.48
N LEU A 48 0.05 -7.43 15.87
CA LEU A 48 -0.26 -6.55 14.77
C LEU A 48 -1.46 -5.70 15.06
N VAL A 49 -1.58 -4.61 14.31
CA VAL A 49 -2.77 -3.78 14.27
C VAL A 49 -2.90 -3.11 12.90
N LEU A 50 -4.04 -3.29 12.24
CA LEU A 50 -4.35 -2.50 11.04
C LEU A 50 -5.49 -1.53 11.32
N ASP A 51 -5.20 -0.24 11.15
CA ASP A 51 -6.13 0.79 11.55
C ASP A 51 -6.49 1.75 10.43
N PHE A 52 -7.68 2.33 10.55
CA PHE A 52 -8.28 3.17 9.53
C PHE A 52 -8.07 4.64 9.87
N LEU A 53 -7.61 5.44 8.91
CA LEU A 53 -7.53 6.86 9.16
C LEU A 53 -8.64 7.59 8.44
N GLU A 54 -8.82 7.30 7.17
CA GLU A 54 -9.82 7.99 6.36
C GLU A 54 -9.96 7.34 4.99
N TYR A 55 -11.07 7.64 4.31
CA TYR A 55 -11.21 7.21 2.95
C TYR A 55 -11.28 8.41 2.04
N ARG A 56 -10.84 8.23 0.80
CA ARG A 56 -10.97 9.26 -0.21
C ARG A 56 -11.64 8.66 -1.41
N ILE A 57 -12.36 9.48 -2.15
CA ILE A 57 -12.99 9.03 -3.39
C ILE A 57 -12.46 9.82 -4.56
N GLY A 58 -11.75 9.14 -5.46
CA GLY A 58 -11.18 9.79 -6.61
C GLY A 58 -12.20 9.86 -7.73
N ASP A 59 -12.52 11.07 -8.18
CA ASP A 59 -13.59 11.33 -9.14
C ASP A 59 -13.63 10.36 -10.35
N PRO A 60 -14.79 10.24 -11.03
CA PRO A 60 -14.99 9.17 -12.02
C PRO A 60 -14.25 9.40 -13.32
N PRO A 61 -13.65 8.33 -13.87
CA PRO A 61 -13.01 8.32 -15.18
C PRO A 61 -13.78 9.10 -16.25
N PHE A 62 -15.10 9.08 -16.20
CA PHE A 62 -15.92 9.76 -17.19
C PHE A 62 -17.16 10.35 -16.58
N SER A 63 -17.68 11.41 -17.18
CA SER A 63 -18.93 11.94 -16.69
C SER A 63 -20.05 11.04 -17.20
N GLN A 64 -21.29 11.49 -17.01
CA GLN A 64 -22.48 10.72 -17.34
C GLN A 64 -22.39 10.12 -18.73
N ASP A 65 -22.11 10.99 -19.68
CA ASP A 65 -21.95 10.67 -21.10
C ASP A 65 -21.27 9.33 -21.37
N GLU A 66 -20.00 9.24 -21.02
CA GLU A 66 -19.18 8.15 -21.53
C GLU A 66 -19.52 6.82 -20.87
N CYS A 67 -19.83 6.85 -19.58
CA CYS A 67 -20.28 5.64 -18.90
C CYS A 67 -21.55 5.16 -19.58
N ARG A 68 -22.29 6.11 -20.16
CA ARG A 68 -23.53 5.82 -20.86
C ARG A 68 -23.26 5.22 -22.24
N GLU A 69 -22.42 5.89 -23.04
CA GLU A 69 -22.16 5.42 -24.41
C GLU A 69 -21.21 4.23 -24.45
N LYS A 70 -21.18 3.46 -23.37
CA LYS A 70 -20.31 2.31 -23.26
C LYS A 70 -20.84 1.34 -22.20
N ASP A 71 -20.79 0.04 -22.49
CA ASP A 71 -21.25 -0.98 -21.56
C ASP A 71 -20.36 -1.04 -20.34
N LEU A 72 -20.39 0.03 -19.55
CA LEU A 72 -19.61 0.13 -18.33
C LEU A 72 -20.37 0.95 -17.30
N THR A 73 -19.73 1.27 -16.20
CA THR A 73 -20.44 1.93 -15.13
C THR A 73 -19.93 3.32 -14.79
N TYR A 74 -20.85 4.19 -14.39
CA TYR A 74 -20.51 5.49 -13.85
C TYR A 74 -19.97 5.32 -12.42
N GLN A 75 -18.66 5.15 -12.32
CA GLN A 75 -18.01 4.76 -11.06
C GLN A 75 -16.85 5.63 -10.61
N ALA A 76 -16.65 5.70 -9.30
CA ALA A 76 -15.48 6.34 -8.72
C ALA A 76 -14.67 5.31 -7.97
N PRO A 77 -13.36 5.31 -8.15
CA PRO A 77 -12.54 4.46 -7.30
C PRO A 77 -12.56 4.97 -5.88
N LEU A 78 -12.58 4.06 -4.92
CA LEU A 78 -12.50 4.44 -3.52
C LEU A 78 -11.23 3.89 -2.88
N TYR A 79 -10.51 4.77 -2.22
CA TYR A 79 -9.30 4.38 -1.50
C TYR A 79 -9.38 4.80 -0.03
N ALA A 80 -8.69 4.08 0.84
CA ALA A 80 -8.66 4.39 2.25
C ALA A 80 -7.24 4.50 2.80
N ARG A 81 -6.99 5.48 3.67
CA ARG A 81 -5.71 5.61 4.34
C ARG A 81 -5.65 4.68 5.54
N LEU A 82 -4.74 3.71 5.48
CA LEU A 82 -4.56 2.72 6.54
C LEU A 82 -3.16 2.75 7.14
N GLN A 83 -3.08 2.39 8.41
CA GLN A 83 -1.80 2.27 9.08
C GLN A 83 -1.60 0.88 9.60
N LEU A 84 -0.46 0.28 9.29
CA LEU A 84 -0.13 -0.97 9.92
C LEU A 84 0.88 -0.72 11.01
N ILE A 85 0.58 -1.21 12.19
CA ILE A 85 1.47 -1.01 13.31
C ILE A 85 1.92 -2.37 13.83
N HIS A 86 3.23 -2.51 13.99
CA HIS A 86 3.76 -3.66 14.69
C HIS A 86 3.69 -3.35 16.16
N LYS A 87 2.94 -4.14 16.92
CA LYS A 87 2.85 -3.93 18.36
C LYS A 87 4.21 -4.24 18.99
N ASP A 88 4.95 -5.10 18.32
CA ASP A 88 6.33 -5.37 18.69
C ASP A 88 7.18 -4.13 18.81
N THR A 89 7.40 -3.52 17.67
CA THR A 89 8.43 -2.51 17.53
C THR A 89 7.93 -1.07 17.50
N GLY A 90 6.63 -0.88 17.34
CA GLY A 90 6.08 0.46 17.40
C GLY A 90 6.11 1.17 16.06
N LEU A 91 6.52 0.45 15.03
CA LEU A 91 6.60 1.01 13.68
C LEU A 91 5.24 1.08 13.02
N ILE A 92 4.96 2.22 12.38
CA ILE A 92 3.73 2.42 11.64
C ILE A 92 4.00 2.55 10.14
N LYS A 93 3.27 1.80 9.34
CA LYS A 93 3.38 1.95 7.90
C LYS A 93 2.03 2.35 7.32
N GLU A 94 1.98 3.53 6.72
CA GLU A 94 0.74 4.08 6.21
C GLU A 94 0.71 4.13 4.69
N ASP A 95 -0.19 3.37 4.10
CA ASP A 95 -0.45 3.46 2.66
C ASP A 95 -1.87 3.92 2.46
N GLU A 96 -2.13 4.47 1.28
CA GLU A 96 -3.48 4.57 0.77
C GLU A 96 -3.68 3.41 -0.19
N VAL A 97 -4.75 2.64 -0.01
CA VAL A 97 -4.92 1.49 -0.85
C VAL A 97 -6.27 1.50 -1.54
N PHE A 98 -6.32 0.82 -2.67
CA PHE A 98 -7.54 0.75 -3.47
C PHE A 98 -8.40 -0.43 -3.05
N LEU A 99 -9.67 -0.16 -2.78
CA LEU A 99 -10.56 -1.18 -2.23
C LEU A 99 -11.58 -1.69 -3.23
N GLY A 100 -12.20 -0.78 -3.95
CA GLY A 100 -13.18 -1.15 -4.94
C GLY A 100 -13.55 0.07 -5.74
N HIS A 101 -14.18 -0.17 -6.89
CA HIS A 101 -14.77 0.91 -7.67
C HIS A 101 -16.16 1.14 -7.07
N LEU A 102 -16.69 2.34 -7.16
CA LEU A 102 -17.94 2.67 -6.46
C LEU A 102 -18.92 3.46 -7.32
N PRO A 103 -20.13 2.91 -7.53
CA PRO A 103 -21.19 3.47 -8.40
C PRO A 103 -21.84 4.73 -7.87
N LEU A 104 -22.14 5.64 -8.79
CA LEU A 104 -22.63 6.95 -8.40
C LEU A 104 -24.02 7.22 -8.91
N MET A 105 -24.74 8.05 -8.17
CA MET A 105 -26.09 8.42 -8.51
C MET A 105 -26.10 9.63 -9.43
N THR A 106 -27.16 9.74 -10.21
CA THR A 106 -27.40 10.96 -10.96
C THR A 106 -28.40 11.81 -10.20
N GLU A 107 -28.47 13.07 -10.56
CA GLU A 107 -29.45 13.99 -10.00
C GLU A 107 -30.85 13.46 -10.24
N ASP A 108 -31.01 12.70 -11.32
CA ASP A 108 -32.25 11.99 -11.60
C ASP A 108 -32.50 10.93 -10.52
N GLY A 109 -31.45 10.21 -10.16
CA GLY A 109 -31.53 9.25 -9.08
C GLY A 109 -31.16 7.85 -9.49
N SER A 110 -30.40 7.73 -10.56
CA SER A 110 -30.08 6.40 -11.09
C SER A 110 -28.59 6.14 -11.27
N PHE A 111 -28.29 4.87 -11.55
CA PHE A 111 -26.93 4.40 -11.78
C PHE A 111 -26.78 3.95 -13.24
N ILE A 112 -25.56 3.92 -13.76
CA ILE A 112 -25.33 3.47 -15.14
C ILE A 112 -24.55 2.15 -15.09
N ILE A 113 -25.16 1.12 -14.51
CA ILE A 113 -24.47 -0.15 -14.33
C ILE A 113 -24.19 -0.86 -15.64
N ASN A 114 -22.92 -0.99 -16.00
CA ASN A 114 -22.56 -1.66 -17.24
C ASN A 114 -23.28 -1.03 -18.42
N GLY A 115 -23.52 0.27 -18.32
CA GLY A 115 -24.24 1.00 -19.35
C GLY A 115 -25.73 1.13 -19.04
N ALA A 116 -26.28 0.10 -18.38
CA ALA A 116 -27.69 0.07 -18.02
C ALA A 116 -28.06 1.13 -16.98
N ASP A 117 -29.08 1.93 -17.26
CA ASP A 117 -29.55 2.97 -16.34
C ASP A 117 -30.44 2.38 -15.24
N ARG A 118 -29.92 1.37 -14.56
CA ARG A 118 -30.62 0.61 -13.55
C ARG A 118 -31.02 1.41 -12.30
N VAL A 119 -31.83 0.79 -11.44
CA VAL A 119 -32.35 1.46 -10.23
C VAL A 119 -32.55 0.54 -9.02
N ILE A 120 -32.07 0.98 -7.87
CA ILE A 120 -32.30 0.28 -6.61
C ILE A 120 -33.43 1.01 -5.87
N VAL A 121 -34.14 0.31 -5.00
CA VAL A 121 -35.36 0.86 -4.41
C VAL A 121 -35.34 0.88 -2.87
N SER A 122 -36.06 1.83 -2.28
CA SER A 122 -36.09 1.96 -0.82
C SER A 122 -36.99 0.89 -0.20
N GLN A 123 -36.39 0.01 0.59
CA GLN A 123 -37.11 -1.08 1.24
C GLN A 123 -37.18 -0.93 2.74
N GLY A 124 -38.25 -1.47 3.32
CA GLY A 124 -38.44 -1.53 4.76
C GLY A 124 -37.95 -0.32 5.52
N GLY A 125 -38.32 0.87 5.06
CA GLY A 125 -37.91 2.10 5.72
C GLY A 125 -36.49 2.52 5.41
N ARG A 126 -35.62 1.56 5.18
CA ARG A 126 -34.26 1.82 4.75
C ARG A 126 -34.28 2.60 3.44
N THR A 127 -33.33 3.52 3.30
CA THR A 127 -33.21 4.28 2.06
C THR A 127 -32.11 3.70 1.20
N VAL A 128 -31.74 4.42 0.14
CA VAL A 128 -30.71 3.96 -0.77
C VAL A 128 -29.38 3.80 -0.06
N GLY A 129 -28.88 4.90 0.50
CA GLY A 129 -27.59 4.90 1.17
C GLY A 129 -27.53 3.82 2.22
N GLU A 130 -28.50 3.84 3.13
CA GLU A 130 -28.57 2.89 4.22
C GLU A 130 -28.48 1.45 3.73
N LEU A 131 -29.42 1.05 2.88
CA LEU A 131 -29.40 -0.27 2.27
C LEU A 131 -28.03 -0.58 1.68
N MET A 132 -27.44 0.41 1.03
CA MET A 132 -26.12 0.23 0.48
C MET A 132 -25.06 0.25 1.58
N ALA A 133 -25.14 1.24 2.45
CA ALA A 133 -24.13 1.43 3.48
C ALA A 133 -23.93 0.16 4.26
N ASP A 134 -24.96 -0.67 4.32
CA ASP A 134 -24.84 -1.92 5.05
C ASP A 134 -24.17 -2.98 4.20
N GLN A 135 -24.21 -2.79 2.88
CA GLN A 135 -23.56 -3.74 1.99
C GLN A 135 -22.07 -3.48 1.99
N PHE A 136 -21.75 -2.20 2.11
CA PHE A 136 -20.42 -1.78 2.41
C PHE A 136 -19.91 -2.52 3.65
N ARG A 137 -20.69 -2.49 4.72
CA ARG A 137 -20.32 -3.17 5.98
C ARG A 137 -20.05 -4.65 5.74
N VAL A 138 -20.74 -5.21 4.74
CA VAL A 138 -20.59 -6.62 4.42
C VAL A 138 -19.21 -6.93 3.87
N GLY A 139 -18.86 -6.31 2.74
CA GLY A 139 -17.56 -6.49 2.13
C GLY A 139 -16.45 -6.32 3.14
N LEU A 140 -16.53 -5.22 3.89
CA LEU A 140 -15.55 -4.92 4.94
C LEU A 140 -15.50 -6.01 5.99
N ALA A 141 -16.65 -6.61 6.27
CA ALA A 141 -16.64 -7.73 7.18
C ALA A 141 -15.80 -8.82 6.55
N ARG A 142 -16.14 -9.19 5.32
CA ARG A 142 -15.38 -10.19 4.57
C ARG A 142 -13.90 -9.84 4.45
N LEU A 143 -13.59 -8.56 4.33
CA LEU A 143 -12.22 -8.13 4.13
C LEU A 143 -11.42 -8.25 5.42
N ALA A 144 -11.98 -7.74 6.51
CA ALA A 144 -11.50 -8.14 7.82
C ALA A 144 -11.72 -9.63 7.82
N ARG A 145 -11.05 -10.37 8.68
CA ARG A 145 -11.19 -11.82 8.64
C ARG A 145 -10.56 -12.29 7.32
N GLY A 146 -9.91 -11.37 6.63
CA GLY A 146 -9.08 -11.70 5.49
C GLY A 146 -7.98 -11.07 6.31
N VAL A 147 -7.86 -9.76 6.21
CA VAL A 147 -6.66 -9.05 6.62
C VAL A 147 -6.10 -9.76 7.83
N ARG A 148 -6.97 -10.25 8.70
CA ARG A 148 -6.50 -10.76 9.95
C ARG A 148 -6.05 -12.20 9.77
N GLU A 149 -6.42 -12.81 8.66
CA GLU A 149 -5.92 -14.15 8.37
C GLU A 149 -4.49 -14.02 7.89
N ARG A 150 -4.25 -13.01 7.07
CA ARG A 150 -2.92 -12.74 6.59
C ARG A 150 -2.04 -12.39 7.77
N MET A 151 -2.64 -11.77 8.77
CA MET A 151 -1.90 -11.26 9.93
C MET A 151 -1.11 -12.35 10.63
N VAL A 152 -1.50 -13.60 10.43
CA VAL A 152 -0.86 -14.69 11.13
C VAL A 152 -0.19 -15.68 10.19
N MET A 153 0.48 -15.17 9.16
CA MET A 153 1.42 -16.01 8.43
C MET A 153 2.80 -15.38 8.55
N GLY A 154 2.97 -14.58 9.60
CA GLY A 154 4.25 -13.97 9.90
C GLY A 154 4.63 -12.91 8.88
N SER A 155 5.93 -12.88 8.56
CA SER A 155 6.51 -11.90 7.62
C SER A 155 6.42 -10.47 8.13
N PRO A 156 6.68 -10.24 9.43
CA PRO A 156 6.33 -8.95 10.04
C PRO A 156 7.02 -7.77 9.40
N ASP A 157 8.31 -7.94 9.17
CA ASP A 157 9.13 -6.88 8.67
C ASP A 157 8.80 -6.62 7.20
N THR A 158 8.31 -7.65 6.53
CA THR A 158 7.99 -7.55 5.12
C THR A 158 6.61 -6.91 4.91
N LEU A 159 5.74 -7.08 5.91
CA LEU A 159 4.33 -6.74 5.73
C LEU A 159 4.05 -5.24 5.57
N THR A 160 2.97 -4.94 4.85
CA THR A 160 2.51 -3.58 4.64
C THR A 160 1.00 -3.59 4.52
N PRO A 161 0.35 -2.44 4.80
CA PRO A 161 -1.08 -2.34 4.54
C PRO A 161 -1.45 -2.88 3.17
N ALA A 162 -0.69 -2.47 2.16
CA ALA A 162 -0.91 -2.88 0.80
C ALA A 162 -1.02 -4.40 0.67
N LYS A 163 -0.09 -5.10 1.33
CA LYS A 163 -0.03 -6.55 1.23
C LYS A 163 -1.12 -7.27 2.05
N LEU A 164 -1.74 -6.55 2.96
CA LEU A 164 -2.80 -7.14 3.75
C LEU A 164 -4.12 -7.01 3.00
N VAL A 165 -4.10 -6.23 1.93
CA VAL A 165 -5.34 -5.79 1.29
C VAL A 165 -5.44 -6.09 -0.20
N ASN A 166 -6.63 -6.52 -0.63
CA ASN A 166 -6.98 -6.55 -2.05
C ASN A 166 -8.38 -6.00 -2.28
N SER A 167 -8.81 -5.94 -3.53
CA SER A 167 -10.08 -5.32 -3.84
C SER A 167 -11.25 -6.30 -3.98
N ARG A 168 -10.96 -7.59 -3.97
CA ARG A 168 -11.96 -8.62 -4.26
C ARG A 168 -13.20 -8.55 -3.33
N PRO A 169 -13.03 -8.78 -2.01
CA PRO A 169 -14.24 -8.94 -1.18
C PRO A 169 -15.19 -7.73 -1.24
N LEU A 170 -14.65 -6.53 -1.39
CA LEU A 170 -15.52 -5.36 -1.51
C LEU A 170 -16.07 -5.24 -2.92
N GLU A 171 -15.27 -5.67 -3.90
CA GLU A 171 -15.74 -5.70 -5.27
C GLU A 171 -17.01 -6.55 -5.33
N ALA A 172 -16.90 -7.72 -4.73
CA ALA A 172 -17.99 -8.68 -4.71
C ALA A 172 -19.22 -8.10 -4.04
N ALA A 173 -19.02 -7.45 -2.89
CA ALA A 173 -20.12 -7.00 -2.06
C ALA A 173 -21.00 -6.00 -2.80
N LEU A 174 -20.39 -5.22 -3.68
CA LEU A 174 -21.16 -4.25 -4.43
C LEU A 174 -21.53 -4.84 -5.76
N ARG A 175 -20.80 -5.87 -6.17
CA ARG A 175 -21.14 -6.53 -7.42
C ARG A 175 -22.53 -7.12 -7.25
N GLU A 176 -22.72 -7.82 -6.14
CA GLU A 176 -23.99 -8.48 -5.84
C GLU A 176 -25.12 -7.49 -5.55
N PHE A 177 -24.80 -6.44 -4.79
CA PHE A 177 -25.81 -5.46 -4.40
C PHE A 177 -26.41 -4.76 -5.61
N PHE A 178 -25.63 -4.62 -6.65
CA PHE A 178 -26.12 -3.92 -7.79
C PHE A 178 -26.56 -4.89 -8.89
N SER A 179 -26.43 -6.20 -8.68
CA SER A 179 -27.01 -7.22 -9.56
C SER A 179 -28.40 -7.61 -9.05
N ARG A 180 -28.95 -6.76 -8.19
CA ARG A 180 -30.29 -6.95 -7.64
C ARG A 180 -31.08 -5.64 -7.70
N SER A 181 -31.27 -5.11 -8.90
CA SER A 181 -31.70 -3.74 -9.04
C SER A 181 -32.48 -3.49 -10.31
N GLN A 182 -33.42 -2.56 -10.25
CA GLN A 182 -34.37 -2.32 -11.34
C GLN A 182 -33.70 -1.80 -12.59
N LEU A 183 -34.47 -1.68 -13.66
CA LEU A 183 -33.98 -1.04 -14.85
C LEU A 183 -34.96 0.04 -15.31
N SER A 184 -34.59 1.31 -15.12
CA SER A 184 -35.47 2.43 -15.44
C SER A 184 -35.88 2.43 -16.90
N GLU B 1 19.88 12.67 15.62
CA GLU B 1 20.32 11.49 14.87
C GLU B 1 19.82 11.53 13.43
N PHE B 2 18.53 11.82 13.27
CA PHE B 2 17.99 12.05 11.93
C PHE B 2 17.30 13.41 11.88
N ARG B 3 17.46 14.10 10.76
CA ARG B 3 16.95 15.45 10.59
C ARG B 3 16.08 15.56 9.33
N PRO B 4 15.06 16.41 9.39
CA PRO B 4 14.21 16.72 8.23
C PRO B 4 14.96 16.90 6.92
N GLY B 5 14.57 16.14 5.91
CA GLY B 5 15.16 16.29 4.60
C GLY B 5 16.29 15.31 4.39
N ASP B 6 16.61 14.53 5.42
CA ASP B 6 17.56 13.45 5.28
C ASP B 6 17.04 12.39 4.35
N LYS B 7 17.86 12.01 3.38
CA LYS B 7 17.50 10.92 2.51
C LYS B 7 17.78 9.64 3.24
N VAL B 8 16.84 8.72 3.20
CA VAL B 8 16.94 7.53 4.03
C VAL B 8 16.40 6.30 3.35
N VAL B 9 16.65 5.14 3.97
CA VAL B 9 16.11 3.87 3.52
C VAL B 9 15.48 3.15 4.69
N LEU B 10 14.30 2.58 4.44
CA LEU B 10 13.64 1.75 5.43
C LEU B 10 13.11 0.53 4.74
N PRO B 11 13.81 -0.59 4.91
CA PRO B 11 13.28 -1.87 4.43
C PRO B 11 11.91 -2.09 5.02
N PRO B 12 10.90 -2.43 4.20
CA PRO B 12 11.06 -2.82 2.79
C PRO B 12 10.66 -1.79 1.75
N TYR B 13 10.07 -0.66 2.12
CA TYR B 13 9.57 0.21 1.05
C TYR B 13 10.67 1.03 0.44
N GLY B 14 11.88 0.87 0.95
CA GLY B 14 13.04 1.48 0.32
C GLY B 14 13.24 2.95 0.63
N VAL B 15 13.69 3.71 -0.36
CA VAL B 15 14.11 5.08 -0.11
C VAL B 15 12.96 6.02 0.22
N GLY B 16 13.29 7.05 0.98
CA GLY B 16 12.33 8.01 1.42
C GLY B 16 13.11 9.15 2.00
N VAL B 17 12.39 10.08 2.59
CA VAL B 17 12.97 11.30 3.10
C VAL B 17 12.29 11.63 4.40
N VAL B 18 13.09 11.90 5.42
CA VAL B 18 12.53 12.24 6.70
C VAL B 18 11.75 13.53 6.61
N ALA B 19 10.46 13.45 6.84
CA ALA B 19 9.63 14.64 6.80
C ALA B 19 9.99 15.51 7.99
N GLY B 20 9.84 14.94 9.18
CA GLY B 20 10.12 15.66 10.40
C GLY B 20 9.90 14.74 11.57
N ILE B 21 9.56 15.31 12.71
CA ILE B 21 9.26 14.49 13.86
C ILE B 21 7.80 14.61 14.19
N ALA B 22 7.16 13.46 14.21
CA ALA B 22 5.72 13.36 14.37
C ALA B 22 5.38 12.96 15.81
N GLN B 23 4.31 13.52 16.35
CA GLN B 23 3.81 13.08 17.64
C GLN B 23 2.50 12.32 17.47
N ARG B 24 2.53 11.00 17.58
CA ARG B 24 1.28 10.28 17.53
C ARG B 24 1.03 9.55 18.83
N SER B 25 -0.21 9.60 19.28
CA SER B 25 -0.70 8.67 20.28
C SER B 25 -1.22 7.48 19.52
N VAL B 26 -0.72 6.31 19.84
CA VAL B 26 -1.11 5.12 19.15
C VAL B 26 -1.43 4.09 20.20
N SER B 27 -2.67 3.59 20.16
CA SER B 27 -3.16 2.62 21.12
C SER B 27 -2.95 3.09 22.55
N GLY B 28 -3.36 4.31 22.84
CA GLY B 28 -3.26 4.81 24.20
C GLY B 28 -1.86 5.14 24.72
N VAL B 29 -0.89 5.21 23.83
CA VAL B 29 0.47 5.52 24.23
C VAL B 29 1.09 6.52 23.28
N SER B 30 1.22 7.75 23.75
CA SER B 30 1.74 8.83 22.92
C SER B 30 3.26 8.75 22.83
N ARG B 31 3.77 8.89 21.62
CA ARG B 31 5.21 8.80 21.41
C ARG B 31 5.65 9.62 20.22
N ALA B 32 6.92 9.97 20.21
CA ALA B 32 7.52 10.72 19.11
C ALA B 32 8.03 9.77 18.03
N TYR B 33 7.81 10.16 16.78
CA TYR B 33 8.25 9.39 15.64
C TYR B 33 9.05 10.24 14.65
N TYR B 34 9.93 9.61 13.91
CA TYR B 34 10.42 10.17 12.68
C TYR B 34 9.42 9.84 11.60
N GLN B 35 9.00 10.83 10.84
CA GLN B 35 8.11 10.57 9.72
C GLN B 35 8.89 10.52 8.42
N VAL B 36 8.60 9.47 7.66
CA VAL B 36 9.27 9.22 6.40
C VAL B 36 8.27 9.29 5.26
N ASP B 37 8.58 10.10 4.26
CA ASP B 37 7.71 10.18 3.10
C ASP B 37 8.30 9.38 1.96
N PHE B 38 7.46 8.68 1.24
CA PHE B 38 7.92 7.78 0.21
C PHE B 38 7.65 8.34 -1.18
N PRO B 39 8.41 7.87 -2.19
CA PRO B 39 8.49 8.47 -3.54
C PRO B 39 7.18 8.50 -4.32
N GLY B 40 6.63 9.70 -4.53
CA GLY B 40 5.41 9.88 -5.30
C GLY B 40 4.39 8.82 -4.96
N SER B 41 4.14 8.66 -3.66
CA SER B 41 3.57 7.41 -3.18
C SER B 41 2.29 7.58 -2.39
N ARG B 42 2.25 8.64 -1.58
CA ARG B 42 1.20 8.85 -0.58
C ARG B 42 1.33 7.82 0.55
N SER B 43 2.37 7.02 0.53
CA SER B 43 2.64 6.14 1.64
C SER B 43 3.70 6.72 2.55
N LYS B 44 3.48 6.58 3.85
CA LYS B 44 4.43 7.07 4.83
C LYS B 44 4.80 5.98 5.84
N ALA B 45 5.86 6.22 6.58
CA ALA B 45 6.25 5.36 7.68
C ALA B 45 6.52 6.23 8.88
N TYR B 46 6.22 5.74 10.08
CA TYR B 46 6.56 6.51 11.26
C TYR B 46 7.42 5.65 12.14
N VAL B 47 8.63 6.13 12.40
CA VAL B 47 9.63 5.39 13.14
C VAL B 47 9.88 6.02 14.48
N PRO B 48 9.70 5.26 15.56
CA PRO B 48 9.95 5.80 16.89
C PRO B 48 11.37 6.32 17.02
N VAL B 49 11.54 7.51 17.59
CA VAL B 49 12.87 8.10 17.68
C VAL B 49 13.78 7.34 18.61
N GLU B 50 13.19 6.69 19.61
CA GLU B 50 13.93 6.10 20.70
C GLU B 50 15.02 5.18 20.20
N ALA B 51 14.70 4.43 19.18
CA ALA B 51 15.68 3.59 18.53
C ALA B 51 15.19 3.23 17.13
N PRO B 52 15.68 3.96 16.13
CA PRO B 52 15.35 3.83 14.71
C PRO B 52 16.27 2.92 13.91
N HIS B 53 17.54 2.86 14.27
CA HIS B 53 18.40 1.83 13.72
C HIS B 53 17.84 0.51 14.15
N SER B 54 17.58 0.43 15.45
CA SER B 54 17.04 -0.77 16.04
C SER B 54 15.97 -1.41 15.14
N VAL B 55 15.35 -0.61 14.29
CA VAL B 55 14.15 -1.03 13.59
C VAL B 55 14.38 -0.86 12.08
N GLY B 56 15.65 -0.77 11.69
CA GLY B 56 16.00 -0.86 10.27
C GLY B 56 16.30 0.43 9.55
N LEU B 57 15.90 1.55 10.13
CA LEU B 57 16.11 2.84 9.49
C LEU B 57 17.60 3.14 9.35
N ARG B 58 17.99 3.66 8.19
CA ARG B 58 19.37 4.11 7.96
C ARG B 58 19.42 5.23 6.95
N LYS B 59 20.56 5.90 6.90
CA LYS B 59 20.82 6.87 5.86
C LYS B 59 20.99 6.12 4.55
N ALA B 60 20.77 6.80 3.43
CA ALA B 60 21.03 6.22 2.12
C ALA B 60 22.49 6.41 1.76
N LEU B 61 22.90 5.92 0.60
CA LEU B 61 24.29 6.07 0.23
C LEU B 61 24.61 7.52 -0.05
N ALA B 62 25.76 7.97 0.41
CA ALA B 62 26.27 9.25 0.02
C ALA B 62 26.77 9.10 -1.42
N PRO B 63 26.88 10.22 -2.15
CA PRO B 63 27.37 10.13 -3.53
C PRO B 63 28.75 9.51 -3.63
N GLU B 64 29.44 9.43 -2.50
CA GLU B 64 30.79 8.90 -2.53
C GLU B 64 30.83 7.47 -2.03
N GLU B 65 29.71 7.00 -1.51
CA GLU B 65 29.60 5.59 -1.23
C GLU B 65 29.20 4.88 -2.50
N VAL B 66 28.88 5.67 -3.50
CA VAL B 66 28.34 5.15 -4.75
C VAL B 66 29.37 4.44 -5.64
N PRO B 67 30.60 4.96 -5.71
CA PRO B 67 31.47 4.24 -6.64
C PRO B 67 31.88 2.86 -6.13
N VAL B 68 31.80 2.67 -4.81
CA VAL B 68 32.11 1.38 -4.23
C VAL B 68 30.99 0.40 -4.54
N ILE B 69 29.77 0.91 -4.67
CA ILE B 69 28.64 0.06 -5.03
C ILE B 69 28.78 -0.39 -6.46
N LEU B 70 29.21 0.54 -7.30
CA LEU B 70 29.42 0.26 -8.71
C LEU B 70 30.54 -0.74 -8.93
N ASP B 71 31.46 -0.82 -7.99
CA ASP B 71 32.56 -1.76 -8.10
C ASP B 71 32.10 -3.15 -7.69
N LEU B 72 31.19 -3.19 -6.72
CA LEU B 72 30.58 -4.41 -6.28
C LEU B 72 29.73 -5.06 -7.38
N LEU B 73 29.08 -4.23 -8.18
CA LEU B 73 28.29 -4.78 -9.24
C LEU B 73 29.18 -5.30 -10.34
N LYS B 74 30.37 -4.72 -10.44
CA LYS B 74 31.28 -5.05 -11.53
C LYS B 74 32.17 -6.22 -11.15
N ASN B 75 32.66 -6.23 -9.93
CA ASN B 75 33.64 -7.20 -9.54
C ASN B 75 33.22 -8.01 -8.32
N GLY B 76 32.03 -7.75 -7.80
CA GLY B 76 31.58 -8.42 -6.59
C GLY B 76 31.45 -9.93 -6.70
N ARG B 77 31.98 -10.63 -5.70
CA ARG B 77 31.80 -12.08 -5.57
C ARG B 77 31.41 -12.40 -4.13
N MET B 78 30.51 -13.35 -3.95
CA MET B 78 30.28 -13.89 -2.64
C MET B 78 30.00 -15.37 -2.70
N PRO B 79 30.30 -16.07 -1.62
CA PRO B 79 30.00 -17.50 -1.61
C PRO B 79 28.50 -17.67 -1.44
N LEU B 80 27.94 -18.61 -2.20
CA LEU B 80 26.51 -18.88 -2.12
C LEU B 80 26.26 -20.37 -1.94
N PRO B 81 25.17 -20.71 -1.22
CA PRO B 81 24.88 -22.10 -0.91
C PRO B 81 24.81 -22.99 -2.15
N LYS B 82 25.38 -24.17 -1.96
CA LYS B 82 25.30 -25.26 -2.90
C LYS B 82 23.88 -25.40 -3.46
N GLN B 83 22.93 -25.67 -2.57
CA GLN B 83 21.61 -26.10 -2.94
C GLN B 83 20.71 -24.88 -3.15
N TRP B 84 19.67 -25.00 -3.98
CA TRP B 84 18.94 -23.82 -4.47
C TRP B 84 18.05 -23.24 -3.42
N ALA B 85 17.61 -24.11 -2.52
CA ALA B 85 16.69 -23.77 -1.46
C ALA B 85 17.35 -22.86 -0.46
N ALA B 86 18.53 -23.28 -0.01
CA ALA B 86 19.32 -22.51 0.91
C ALA B 86 19.81 -21.22 0.27
N ARG B 87 20.17 -21.30 -1.01
CA ARG B 87 20.65 -20.13 -1.73
C ARG B 87 19.58 -19.07 -1.88
N HIS B 88 18.38 -19.49 -2.25
CA HIS B 88 17.26 -18.57 -2.36
C HIS B 88 16.94 -17.98 -1.01
N ARG B 89 17.22 -18.72 0.03
CA ARG B 89 17.00 -18.25 1.39
C ARG B 89 17.98 -17.18 1.75
N LYS B 90 19.24 -17.42 1.41
CA LYS B 90 20.26 -16.42 1.62
C LYS B 90 19.91 -15.16 0.88
N THR B 91 19.73 -15.28 -0.45
CA THR B 91 19.43 -14.11 -1.26
C THR B 91 18.19 -13.39 -0.74
N SER B 92 17.17 -14.17 -0.36
CA SER B 92 15.94 -13.59 0.15
C SER B 92 16.22 -12.72 1.36
N GLU B 93 17.14 -13.18 2.22
CA GLU B 93 17.53 -12.42 3.40
C GLU B 93 18.26 -11.15 3.02
N ILE B 94 19.25 -11.28 2.15
CA ILE B 94 20.12 -10.17 1.79
C ILE B 94 19.28 -9.05 1.25
N LEU B 95 18.34 -9.41 0.38
CA LEU B 95 17.41 -8.46 -0.21
C LEU B 95 16.53 -7.77 0.82
N ALA B 96 16.17 -8.49 1.86
CA ALA B 96 15.25 -7.96 2.87
C ALA B 96 15.96 -6.97 3.78
N ASP B 97 17.14 -7.35 4.26
CA ASP B 97 17.90 -6.53 5.16
C ASP B 97 18.17 -5.16 4.57
N GLY B 98 18.29 -5.10 3.26
CA GLY B 98 18.44 -3.83 2.57
C GLY B 98 19.82 -3.22 2.63
N ASN B 99 20.80 -4.01 3.06
CA ASN B 99 22.18 -3.58 3.05
C ASN B 99 22.65 -3.41 1.63
N PRO B 100 22.83 -2.17 1.19
CA PRO B 100 23.17 -1.87 -0.21
C PRO B 100 24.46 -2.53 -0.64
N TYR B 101 25.38 -2.65 0.30
CA TYR B 101 26.68 -3.15 -0.03
C TYR B 101 26.56 -4.64 -0.22
N ARG B 102 25.82 -5.28 0.68
CA ARG B 102 25.70 -6.71 0.60
C ARG B 102 24.91 -7.06 -0.66
N ILE B 103 23.91 -6.26 -0.93
CA ILE B 103 23.09 -6.46 -2.10
C ILE B 103 23.89 -6.31 -3.38
N ALA B 104 24.76 -5.30 -3.42
CA ALA B 104 25.56 -5.06 -4.61
C ALA B 104 26.55 -6.20 -4.81
N GLN B 105 27.14 -6.66 -3.72
CA GLN B 105 28.09 -7.74 -3.83
C GLN B 105 27.40 -9.00 -4.27
N MET B 106 26.17 -9.22 -3.80
CA MET B 106 25.40 -10.38 -4.23
C MET B 106 25.12 -10.31 -5.72
N ALA B 107 24.67 -9.14 -6.13
CA ALA B 107 24.28 -8.90 -7.49
C ALA B 107 25.43 -9.09 -8.44
N GLY B 108 26.62 -8.75 -7.96
CA GLY B 108 27.82 -8.87 -8.75
C GLY B 108 28.12 -10.33 -8.94
N GLN B 109 27.87 -11.13 -7.91
CA GLN B 109 28.13 -12.54 -7.99
C GLN B 109 27.12 -13.18 -8.90
N LEU B 110 25.87 -12.77 -8.76
CA LEU B 110 24.80 -13.38 -9.53
C LEU B 110 24.96 -13.10 -11.00
N ARG B 111 25.28 -11.86 -11.32
CA ARG B 111 25.54 -11.49 -12.69
C ARG B 111 26.68 -12.30 -13.25
N ALA B 112 27.72 -12.50 -12.45
CA ALA B 112 28.89 -13.24 -12.89
C ALA B 112 28.49 -14.63 -13.37
N TRP B 113 27.67 -15.30 -12.57
CA TRP B 113 27.14 -16.59 -12.94
C TRP B 113 26.40 -16.52 -14.27
N GLU B 114 25.57 -15.50 -14.39
CA GLU B 114 24.76 -15.30 -15.58
C GLU B 114 25.63 -15.32 -16.80
N VAL B 115 26.87 -14.89 -16.64
CA VAL B 115 27.80 -14.93 -17.75
C VAL B 115 28.46 -16.28 -17.87
N GLU B 116 29.42 -16.57 -16.99
CA GLU B 116 30.18 -17.82 -17.07
C GLU B 116 29.31 -19.07 -17.06
N ARG B 117 28.70 -19.31 -15.92
CA ARG B 117 28.04 -20.60 -15.68
C ARG B 117 26.55 -20.63 -15.95
N GLY B 118 25.91 -19.47 -15.91
CA GLY B 118 24.49 -19.43 -16.17
C GLY B 118 23.73 -19.24 -14.89
N LEU B 119 22.67 -18.45 -14.97
CA LEU B 119 21.90 -18.08 -13.81
C LEU B 119 20.46 -18.60 -13.91
N PRO B 120 20.08 -19.48 -12.98
CA PRO B 120 18.69 -19.90 -12.77
C PRO B 120 17.77 -18.69 -12.62
N ASP B 121 16.55 -18.84 -13.15
CA ASP B 121 15.56 -17.76 -13.22
C ASP B 121 15.25 -17.30 -11.83
N LEU B 122 15.20 -18.28 -10.94
CA LEU B 122 14.86 -18.02 -9.56
C LEU B 122 15.85 -17.01 -9.02
N ASP B 123 17.11 -17.29 -9.27
CA ASP B 123 18.18 -16.41 -8.87
C ASP B 123 18.19 -15.13 -9.69
N ARG B 124 17.75 -15.22 -10.92
CA ARG B 124 17.67 -14.05 -11.79
C ARG B 124 16.74 -13.00 -11.20
N GLN B 125 15.60 -13.45 -10.68
CA GLN B 125 14.66 -12.53 -10.07
C GLN B 125 15.26 -11.83 -8.85
N ALA B 126 16.22 -12.50 -8.21
CA ALA B 126 16.96 -11.92 -7.11
C ALA B 126 17.88 -10.83 -7.62
N LEU B 127 18.44 -11.04 -8.80
CA LEU B 127 19.28 -10.04 -9.43
C LEU B 127 18.44 -8.83 -9.86
N ARG B 128 17.33 -9.05 -10.55
CA ARG B 128 16.47 -7.94 -10.97
C ARG B 128 16.06 -7.09 -9.79
N ARG B 129 15.49 -7.73 -8.79
CA ARG B 129 15.06 -7.07 -7.58
C ARG B 129 16.20 -6.32 -6.94
N ALA B 130 17.40 -6.89 -6.97
CA ALA B 130 18.56 -6.19 -6.46
C ALA B 130 18.85 -4.92 -7.26
N ILE B 131 18.80 -5.04 -8.58
CA ILE B 131 19.04 -3.91 -9.47
C ILE B 131 18.06 -2.79 -9.22
N HIS B 132 16.80 -3.18 -9.27
CA HIS B 132 15.67 -2.34 -8.97
C HIS B 132 15.90 -1.48 -7.73
N LEU B 133 16.35 -2.13 -6.65
CA LEU B 133 16.54 -1.48 -5.36
C LEU B 133 17.72 -0.57 -5.37
N LEU B 134 18.84 -1.09 -5.86
CA LEU B 134 20.03 -0.27 -6.00
C LEU B 134 19.83 0.91 -6.95
N ALA B 135 19.14 0.70 -8.07
CA ALA B 135 18.89 1.80 -9.01
C ALA B 135 18.10 2.92 -8.35
N GLU B 136 17.20 2.59 -7.44
CA GLU B 136 16.42 3.60 -6.78
C GLU B 136 17.19 4.37 -5.71
N GLU B 137 18.07 3.70 -5.00
CA GLU B 137 18.84 4.37 -3.98
C GLU B 137 19.98 5.18 -4.59
N VAL B 138 20.57 4.67 -5.66
CA VAL B 138 21.57 5.43 -6.40
C VAL B 138 20.93 6.65 -7.11
N ALA B 139 19.76 6.45 -7.69
CA ALA B 139 19.02 7.54 -8.32
C ALA B 139 18.70 8.61 -7.31
N GLN B 140 18.50 8.19 -6.08
CA GLN B 140 18.14 9.11 -5.02
C GLN B 140 19.36 9.88 -4.58
N SER B 141 20.47 9.15 -4.46
CA SER B 141 21.72 9.70 -3.92
C SER B 141 22.34 10.74 -4.86
N LEU B 142 22.34 10.43 -6.15
CA LEU B 142 22.92 11.33 -7.14
C LEU B 142 21.89 12.25 -7.78
N GLU B 143 20.62 12.07 -7.43
CA GLU B 143 19.51 12.87 -7.94
C GLU B 143 19.45 12.80 -9.46
N ILE B 144 19.53 11.56 -9.92
CA ILE B 144 19.36 11.21 -11.31
C ILE B 144 18.18 10.27 -11.41
N THR B 145 17.63 10.04 -12.59
CA THR B 145 16.45 9.20 -12.67
C THR B 145 16.85 7.76 -12.43
N VAL B 146 15.85 6.92 -12.28
CA VAL B 146 16.10 5.51 -12.08
C VAL B 146 16.60 4.90 -13.39
N GLN B 147 16.07 5.38 -14.50
CA GLN B 147 16.51 4.89 -15.80
C GLN B 147 17.98 5.21 -15.97
N GLU B 148 18.37 6.39 -15.50
CA GLU B 148 19.75 6.85 -15.59
C GLU B 148 20.64 6.05 -14.65
N ALA B 149 20.16 5.77 -13.44
CA ALA B 149 20.92 4.96 -12.48
C ALA B 149 21.13 3.54 -12.97
N LYS B 150 20.14 2.96 -13.64
CA LYS B 150 20.30 1.64 -14.26
C LYS B 150 21.34 1.63 -15.37
N ARG B 151 21.32 2.68 -16.19
CA ARG B 151 22.19 2.75 -17.36
C ARG B 151 23.64 2.76 -16.93
N LEU B 152 23.91 3.42 -15.81
CA LEU B 152 25.18 3.31 -15.11
C LEU B 152 25.59 1.89 -14.86
N PHE B 153 24.66 1.12 -14.32
CA PHE B 153 24.92 -0.25 -13.95
C PHE B 153 25.25 -1.03 -15.20
N GLU B 154 24.50 -0.73 -16.26
CA GLU B 154 24.60 -1.49 -17.49
C GLU B 154 26.01 -1.41 -18.05
N GLU B 155 26.62 -0.26 -17.88
CA GLU B 155 27.95 0.00 -18.36
C GLU B 155 28.98 -0.69 -17.50
N ALA B 156 28.67 -0.83 -16.24
CA ALA B 156 29.58 -1.44 -15.27
C ALA B 156 29.75 -2.93 -15.56
N TRP B 157 28.83 -3.45 -16.35
CA TRP B 157 28.86 -4.82 -16.76
C TRP B 157 29.44 -4.95 -18.15
N GLY B 158 29.11 -3.96 -18.98
CA GLY B 158 29.49 -3.98 -20.38
C GLY B 158 28.28 -4.11 -21.28
#